data_8C6T
#
_entry.id   8C6T
#
_cell.length_a   45.330
_cell.length_b   73.510
_cell.length_c   53.020
_cell.angle_alpha   90.000
_cell.angle_beta   110.040
_cell.angle_gamma   90.000
#
_symmetry.space_group_name_H-M   'P 1 21 1'
#
loop_
_entity.id
_entity.type
_entity.pdbx_description
1 polymer Endothiapepsin
2 non-polymer GLYCEROL
3 non-polymer 1-[3,5-bis(chloranyl)phenoxy]propan-2-amine
4 water water
#
_entity_poly.entity_id   1
_entity_poly.type   'polypeptide(L)'
_entity_poly.pdbx_seq_one_letter_code
;MSSPLKNALVTAMLAGGALSSPTKQHVGIPVNASPEVGPGKYSFKQVRNPNYKFNGPLSVKKTYLKYGVPIPAWLEDAVQ
NSTSGLAERSTGSATTTPIDSLDDAYITPVQIGTPAQTLNLDFDTGSSDLWVFSSETTASEVDGQTIYTPSKSTTAKLLS
GATWSISYGDGSSSSGDVYTDTVSVGGLTVTGQAVESAKKVSSSFTEDSTIDGLLGLAFSTLNTVSPTQQKTFFDNAKAS
LDSPVFTADLGYHAPGTYNFGFIDTTAYTGSITYTAVSTKQGFWEWTSTGYAVGSGTFKSTSIDGIADTGTTLLYLPATV
VSAYWAQVSGAKSSSSVGGYVFPCSATLPSFTFGVGSARIVIPGDYIDFGPISTGSSSCFGGIQSSAGIGINIFGDVALK
AAFVVFNGATTPTLGFASK
;
_entity_poly.pdbx_strand_id   A
#
loop_
_chem_comp.id
_chem_comp.type
_chem_comp.name
_chem_comp.formula
GOL non-polymer GLYCEROL 'C3 H8 O3'
TV6 non-polymer 1-[3,5-bis(chloranyl)phenoxy]propan-2-amine 'C9 H11 Cl2 N O'
#
# COMPACT_ATOMS: atom_id res chain seq x y z
N SER A 90 18.68 10.65 -10.73
CA SER A 90 18.47 10.87 -9.29
C SER A 90 17.89 9.63 -8.66
N THR A 91 17.92 9.60 -7.33
CA THR A 91 17.30 8.54 -6.54
C THR A 91 16.74 9.16 -5.27
N GLY A 92 15.88 8.40 -4.59
CA GLY A 92 15.46 8.74 -3.25
C GLY A 92 15.32 7.48 -2.42
N SER A 93 15.40 7.64 -1.10
CA SER A 93 15.27 6.48 -0.21
C SER A 93 14.69 6.97 1.10
N ALA A 94 13.58 6.39 1.57
CA ALA A 94 12.95 6.83 2.80
C ALA A 94 12.52 5.62 3.60
N THR A 95 12.62 5.74 4.92
CA THR A 95 12.17 4.68 5.81
C THR A 95 10.67 4.77 5.99
N THR A 96 10.01 3.60 5.97
CA THR A 96 8.59 3.49 6.22
C THR A 96 8.40 2.72 7.52
N THR A 97 7.47 3.17 8.35
CA THR A 97 7.35 2.68 9.72
C THR A 97 5.91 2.24 9.98
N PRO A 98 5.70 1.08 10.60
CA PRO A 98 4.32 0.69 10.95
C PRO A 98 3.69 1.71 11.90
N ILE A 99 2.39 1.95 11.73
CA ILE A 99 1.72 2.94 12.58
C ILE A 99 1.40 2.40 13.96
N ASP A 100 1.43 1.08 14.15
CA ASP A 100 1.02 0.46 15.40
C ASP A 100 1.67 -0.91 15.47
N SER A 101 1.40 -1.62 16.57
CA SER A 101 2.03 -2.90 16.85
C SER A 101 1.53 -4.03 15.96
N LEU A 102 0.47 -3.79 15.18
CA LEU A 102 -0.10 -4.80 14.30
C LEU A 102 0.29 -4.60 12.86
N ASP A 103 1.07 -3.57 12.54
CA ASP A 103 1.38 -3.24 11.15
C ASP A 103 0.10 -2.95 10.38
N ASP A 104 -0.83 -2.20 10.98
CA ASP A 104 -2.08 -1.92 10.29
C ASP A 104 -1.89 -1.05 9.06
N ALA A 105 -0.84 -0.24 9.02
CA ALA A 105 -0.48 0.60 7.88
C ALA A 105 0.94 1.06 8.15
N TYR A 106 1.53 1.71 7.14
CA TYR A 106 2.89 2.19 7.20
C TYR A 106 2.92 3.65 6.80
N ILE A 107 3.72 4.45 7.50
CA ILE A 107 3.87 5.86 7.20
C ILE A 107 5.30 6.18 6.83
N THR A 108 5.45 7.13 5.91
CA THR A 108 6.73 7.53 5.37
C THR A 108 6.78 9.05 5.38
N PRO A 109 7.85 9.65 5.89
CA PRO A 109 7.90 11.12 5.95
C PRO A 109 8.10 11.71 4.56
N VAL A 110 7.38 12.80 4.29
CA VAL A 110 7.39 13.49 3.00
C VAL A 110 7.51 14.98 3.28
N GLN A 111 8.44 15.64 2.60
CA GLN A 111 8.62 17.09 2.72
C GLN A 111 7.79 17.81 1.65
N ILE A 112 6.96 18.74 2.07
CA ILE A 112 6.10 19.48 1.16
C ILE A 112 6.32 20.97 1.37
N GLY A 113 6.57 21.71 0.29
CA GLY A 113 6.62 23.15 0.39
C GLY A 113 7.96 23.73 0.76
N THR A 114 7.96 25.05 0.88
CA THR A 114 9.15 25.85 1.17
C THR A 114 8.82 26.92 2.19
N PRO A 115 9.42 26.92 3.37
CA PRO A 115 10.26 25.86 3.94
C PRO A 115 9.48 24.55 4.03
N ALA A 116 10.19 23.44 4.16
CA ALA A 116 9.55 22.14 4.16
C ALA A 116 8.58 22.01 5.32
N GLN A 117 7.43 21.40 5.03
CA GLN A 117 6.49 20.91 6.02
C GLN A 117 6.51 19.40 5.88
N THR A 118 6.96 18.70 6.92
CA THR A 118 7.06 17.24 6.86
C THR A 118 5.79 16.60 7.37
N LEU A 119 5.15 15.80 6.52
CA LEU A 119 3.95 15.05 6.85
C LEU A 119 4.25 13.57 6.70
N ASN A 120 3.61 12.74 7.50
CA ASN A 120 3.79 11.29 7.42
C ASN A 120 2.66 10.69 6.61
N LEU A 121 2.99 10.24 5.40
CA LEU A 121 1.98 9.80 4.45
C LEU A 121 1.98 8.29 4.30
N ASP A 122 0.81 7.76 3.95
CA ASP A 122 0.62 6.34 3.67
C ASP A 122 0.84 6.15 2.17
N PHE A 123 1.97 5.55 1.80
CA PHE A 123 2.29 5.28 0.40
C PHE A 123 1.41 4.14 -0.10
N ASP A 124 0.64 4.39 -1.15
CA ASP A 124 -0.47 3.52 -1.53
C ASP A 124 -0.36 3.16 -3.01
N THR A 125 0.16 1.97 -3.33
CA THR A 125 0.25 1.54 -4.72
C THR A 125 -1.10 1.16 -5.30
N GLY A 126 -2.18 1.25 -4.53
CA GLY A 126 -3.54 1.04 -4.99
C GLY A 126 -4.34 2.30 -5.25
N SER A 127 -3.73 3.48 -5.24
CA SER A 127 -4.45 4.70 -5.60
C SER A 127 -3.46 5.68 -6.18
N SER A 128 -3.97 6.81 -6.69
CA SER A 128 -3.13 7.72 -7.47
C SER A 128 -3.26 9.16 -7.12
N ASP A 129 -3.68 9.44 -5.88
CA ASP A 129 -3.79 10.82 -5.40
C ASP A 129 -2.81 11.06 -4.27
N LEU A 130 -2.16 12.22 -4.27
CA LEU A 130 -1.34 12.61 -3.14
C LEU A 130 -2.21 13.65 -2.43
N TRP A 131 -2.79 13.27 -1.30
CA TRP A 131 -3.66 14.17 -0.56
C TRP A 131 -3.22 14.26 0.89
N VAL A 132 -3.49 15.41 1.51
CA VAL A 132 -3.02 15.70 2.84
C VAL A 132 -4.08 16.39 3.69
N PHE A 133 -4.05 16.09 4.98
CA PHE A 133 -4.68 16.96 5.96
C PHE A 133 -4.07 18.35 5.84
N SER A 134 -4.90 19.37 6.02
CA SER A 134 -4.43 20.72 5.72
C SER A 134 -5.08 21.74 6.64
N SER A 135 -4.60 22.98 6.53
CA SER A 135 -5.24 24.10 7.20
C SER A 135 -6.66 24.34 6.71
N GLU A 136 -7.05 23.74 5.59
CA GLU A 136 -8.40 23.84 5.05
C GLU A 136 -9.32 22.72 5.52
N THR A 137 -8.81 21.72 6.20
CA THR A 137 -9.64 20.63 6.61
C THR A 137 -10.60 21.04 7.72
N THR A 138 -11.86 20.69 7.56
CA THR A 138 -12.88 20.96 8.60
C THR A 138 -12.31 20.65 9.97
N ALA A 139 -12.32 21.65 10.83
CA ALA A 139 -11.66 21.50 12.11
C ALA A 139 -12.08 20.30 12.94
N SER A 140 -13.37 20.02 12.97
CA SER A 140 -13.82 18.88 13.75
C SER A 140 -13.37 17.55 13.17
N GLU A 141 -12.82 17.55 11.96
CA GLU A 141 -12.34 16.34 11.31
C GLU A 141 -10.84 16.16 11.44
N VAL A 142 -10.15 17.05 12.16
CA VAL A 142 -8.73 16.94 12.44
C VAL A 142 -8.58 16.58 13.91
N ASP A 143 -7.85 15.51 14.19
CA ASP A 143 -7.65 15.03 15.56
C ASP A 143 -6.22 14.47 15.69
N GLY A 144 -5.24 15.36 15.74
CA GLY A 144 -3.86 15.00 16.01
C GLY A 144 -2.96 14.90 14.80
N GLN A 145 -3.51 14.93 13.58
CA GLN A 145 -2.70 14.87 12.38
C GLN A 145 -1.86 16.13 12.23
N THR A 146 -0.71 15.99 11.58
CA THR A 146 0.04 17.16 11.13
C THR A 146 -0.58 17.64 9.83
N ILE A 147 -0.74 18.97 9.72
CA ILE A 147 -1.41 19.58 8.58
C ILE A 147 -0.42 20.33 7.69
N TYR A 148 -0.73 20.34 6.40
CA TYR A 148 -0.08 21.19 5.40
C TYR A 148 -0.79 22.53 5.38
N THR A 149 -0.04 23.62 5.47
CA THR A 149 -0.60 24.96 5.39
C THR A 149 -0.03 25.62 4.15
N PRO A 150 -0.74 25.61 3.02
CA PRO A 150 -0.15 26.14 1.80
C PRO A 150 0.19 27.61 1.88
N SER A 151 -0.54 28.40 2.69
CA SER A 151 -0.23 29.82 2.76
C SER A 151 1.14 30.09 3.35
N LYS A 152 1.73 29.12 4.05
CA LYS A 152 3.05 29.26 4.61
C LYS A 152 4.15 28.72 3.69
N SER A 153 3.79 28.22 2.52
CA SER A 153 4.75 27.71 1.56
C SER A 153 4.92 28.69 0.42
N THR A 154 6.14 29.20 0.25
CA THR A 154 6.36 30.20 -0.79
C THR A 154 6.31 29.62 -2.18
N THR A 155 6.35 28.31 -2.33
CA THR A 155 6.29 27.65 -3.62
C THR A 155 4.91 27.09 -3.93
N ALA A 156 3.95 27.18 -3.00
CA ALA A 156 2.61 26.67 -3.27
C ALA A 156 1.86 27.59 -4.20
N LYS A 157 1.14 27.01 -5.13
CA LYS A 157 0.23 27.75 -6.01
CA LYS A 157 0.27 27.77 -6.02
C LYS A 157 -1.11 27.00 -6.14
N LEU A 158 -2.20 27.74 -5.92
CA LEU A 158 -3.51 27.12 -6.06
C LEU A 158 -3.69 26.72 -7.52
N LEU A 159 -4.13 25.49 -7.74
CA LEU A 159 -4.44 25.02 -9.09
C LEU A 159 -5.88 25.44 -9.36
N SER A 160 -6.05 26.49 -10.15
CA SER A 160 -7.33 27.15 -10.28
C SER A 160 -8.41 26.21 -10.80
N GLY A 161 -9.52 26.15 -10.07
CA GLY A 161 -10.67 25.38 -10.47
C GLY A 161 -10.59 23.90 -10.22
N ALA A 162 -9.48 23.41 -9.69
CA ALA A 162 -9.27 21.97 -9.55
C ALA A 162 -9.82 21.48 -8.21
N THR A 163 -10.55 20.37 -8.25
CA THR A 163 -11.02 19.73 -7.04
C THR A 163 -10.73 18.24 -7.16
N TRP A 164 -10.88 17.54 -6.04
CA TRP A 164 -10.67 16.11 -6.02
C TRP A 164 -11.63 15.49 -5.02
N SER A 165 -11.90 14.20 -5.21
CA SER A 165 -12.80 13.47 -4.32
C SER A 165 -12.55 11.99 -4.54
N ILE A 166 -12.29 11.27 -3.47
CA ILE A 166 -11.91 9.88 -3.60
C ILE A 166 -12.73 9.05 -2.62
N SER A 167 -13.12 7.87 -3.07
CA SER A 167 -13.78 6.87 -2.22
C SER A 167 -12.96 5.59 -2.33
N TYR A 168 -12.41 5.16 -1.20
CA TYR A 168 -11.58 3.96 -1.16
C TYR A 168 -12.43 2.72 -0.94
N GLY A 169 -11.83 1.56 -1.22
CA GLY A 169 -12.59 0.33 -1.19
C GLY A 169 -13.00 -0.12 0.20
N ASP A 170 -12.39 0.44 1.24
CA ASP A 170 -12.78 0.13 2.61
C ASP A 170 -13.91 1.03 3.12
N GLY A 171 -14.44 1.91 2.28
CA GLY A 171 -15.53 2.78 2.65
C GLY A 171 -15.11 4.17 3.08
N SER A 172 -13.82 4.44 3.18
CA SER A 172 -13.36 5.77 3.58
C SER A 172 -13.33 6.69 2.37
N SER A 173 -13.24 8.00 2.64
CA SER A 173 -13.32 9.00 1.58
C SER A 173 -12.74 10.32 2.05
N SER A 174 -12.44 11.18 1.08
CA SER A 174 -11.88 12.50 1.34
C SER A 174 -12.04 13.34 0.08
N SER A 175 -11.98 14.66 0.24
CA SER A 175 -12.15 15.56 -0.92
C SER A 175 -11.62 16.95 -0.58
N GLY A 176 -11.35 17.73 -1.61
CA GLY A 176 -10.91 19.07 -1.40
C GLY A 176 -10.45 19.80 -2.65
N ASP A 177 -9.50 20.71 -2.46
CA ASP A 177 -8.94 21.50 -3.57
C ASP A 177 -7.50 21.11 -3.82
N VAL A 178 -6.80 21.81 -4.71
CA VAL A 178 -5.49 21.36 -5.14
C VAL A 178 -4.49 22.47 -5.26
N TYR A 179 -3.30 22.26 -4.77
CA TYR A 179 -2.16 23.15 -4.96
C TYR A 179 -1.12 22.41 -5.78
N THR A 180 -0.23 23.16 -6.42
CA THR A 180 1.04 22.58 -6.82
C THR A 180 2.12 23.07 -5.87
N ASP A 181 3.08 22.20 -5.55
CA ASP A 181 4.14 22.57 -4.64
C ASP A 181 5.30 21.61 -4.84
N THR A 182 6.42 21.93 -4.21
CA THR A 182 7.58 21.06 -4.21
CA THR A 182 7.58 21.05 -4.23
C THR A 182 7.42 19.95 -3.20
N VAL A 183 7.66 18.72 -3.62
CA VAL A 183 7.51 17.55 -2.77
C VAL A 183 8.77 16.73 -2.85
N SER A 184 9.31 16.34 -1.69
CA SER A 184 10.53 15.54 -1.66
C SER A 184 10.31 14.30 -0.81
N VAL A 185 10.83 13.18 -1.29
CA VAL A 185 10.78 11.91 -0.56
C VAL A 185 12.19 11.38 -0.50
N GLY A 186 12.73 11.27 0.71
CA GLY A 186 14.00 10.60 0.87
C GLY A 186 15.09 11.18 0.00
N GLY A 187 15.07 12.50 -0.22
CA GLY A 187 16.08 13.18 -1.02
C GLY A 187 15.75 13.36 -2.49
N LEU A 188 14.66 12.79 -2.99
CA LEU A 188 14.22 12.94 -4.37
C LEU A 188 13.15 14.03 -4.41
N THR A 189 13.36 15.06 -5.25
CA THR A 189 12.49 16.23 -5.27
C THR A 189 11.75 16.34 -6.59
N VAL A 190 10.45 16.61 -6.51
CA VAL A 190 9.61 16.94 -7.65
C VAL A 190 9.06 18.34 -7.44
N THR A 191 9.26 19.21 -8.42
CA THR A 191 8.62 20.52 -8.38
C THR A 191 7.29 20.46 -9.13
N GLY A 192 6.35 21.29 -8.72
CA GLY A 192 5.07 21.32 -9.40
C GLY A 192 4.20 20.09 -9.18
N GLN A 193 4.43 19.34 -8.10
CA GLN A 193 3.58 18.20 -7.80
C GLN A 193 2.21 18.66 -7.34
N ALA A 194 1.16 18.00 -7.84
CA ALA A 194 -0.18 18.27 -7.32
C ALA A 194 -0.31 17.71 -5.91
N VAL A 195 -0.60 18.60 -4.96
CA VAL A 195 -0.82 18.30 -3.56
C VAL A 195 -2.29 18.59 -3.30
N GLU A 196 -3.06 17.53 -3.05
CA GLU A 196 -4.50 17.64 -2.93
C GLU A 196 -4.81 17.92 -1.46
N SER A 197 -5.30 19.11 -1.17
CA SER A 197 -5.55 19.54 0.19
C SER A 197 -6.97 19.17 0.59
N ALA A 198 -7.11 18.43 1.69
CA ALA A 198 -8.43 17.98 2.09
C ALA A 198 -9.22 19.11 2.74
N LYS A 199 -10.45 19.29 2.25
CA LYS A 199 -11.44 20.06 2.98
C LYS A 199 -12.30 19.17 3.88
N LYS A 200 -12.51 17.93 3.48
CA LYS A 200 -13.32 16.96 4.20
C LYS A 200 -12.61 15.62 4.16
N VAL A 201 -12.66 14.91 5.29
CA VAL A 201 -12.19 13.54 5.39
C VAL A 201 -13.23 12.75 6.15
N SER A 202 -13.32 11.45 5.86
CA SER A 202 -14.26 10.61 6.59
C SER A 202 -13.70 10.22 7.96
N SER A 203 -14.58 9.65 8.78
CA SER A 203 -14.29 9.44 10.18
C SER A 203 -13.07 8.54 10.38
N SER A 204 -12.88 7.55 9.52
CA SER A 204 -11.74 6.65 9.71
C SER A 204 -10.41 7.38 9.59
N PHE A 205 -10.35 8.41 8.72
CA PHE A 205 -9.13 9.22 8.64
C PHE A 205 -8.96 10.08 9.88
N THR A 206 -10.04 10.74 10.31
CA THR A 206 -9.97 11.58 11.51
C THR A 206 -9.48 10.78 12.71
N GLU A 207 -9.98 9.56 12.85
CA GLU A 207 -9.71 8.73 14.02
C GLU A 207 -8.31 8.12 14.00
N ASP A 208 -7.57 8.25 12.90
CA ASP A 208 -6.20 7.75 12.85
C ASP A 208 -5.24 8.94 12.88
N SER A 209 -4.77 9.28 14.07
CA SER A 209 -3.92 10.44 14.21
C SER A 209 -2.55 10.26 13.58
N THR A 210 -2.17 9.04 13.27
CA THR A 210 -0.83 8.78 12.75
CA THR A 210 -0.81 8.78 12.75
C THR A 210 -0.62 8.98 11.21
N ILE A 211 -1.73 9.04 10.49
CA ILE A 211 -1.66 9.19 9.03
C ILE A 211 -2.07 10.59 8.63
N ASP A 212 -1.15 11.33 8.02
CA ASP A 212 -1.39 12.72 7.64
C ASP A 212 -1.90 12.87 6.21
N GLY A 213 -2.07 11.77 5.50
CA GLY A 213 -2.50 11.77 4.12
C GLY A 213 -1.96 10.55 3.41
N LEU A 214 -2.22 10.50 2.12
CA LEU A 214 -1.83 9.39 1.26
C LEU A 214 -0.93 9.90 0.14
N LEU A 215 -0.01 9.05 -0.31
CA LEU A 215 0.77 9.32 -1.50
C LEU A 215 0.53 8.15 -2.47
N GLY A 216 -0.26 8.40 -3.50
CA GLY A 216 -0.64 7.34 -4.42
C GLY A 216 0.48 7.00 -5.39
N LEU A 217 0.64 5.69 -5.61
CA LEU A 217 1.69 5.14 -6.49
C LEU A 217 1.12 4.18 -7.57
N ALA A 218 -0.20 4.16 -7.74
CA ALA A 218 -0.81 3.42 -8.84
C ALA A 218 -0.65 4.31 -10.11
N PHE A 219 -1.30 3.93 -11.19
CA PHE A 219 -1.13 4.68 -12.45
C PHE A 219 -1.95 5.97 -12.45
N SER A 220 -1.40 6.99 -13.10
CA SER A 220 -2.05 8.32 -13.06
C SER A 220 -3.46 8.36 -13.67
N THR A 221 -3.80 7.35 -14.48
CA THR A 221 -5.16 7.29 -15.01
C THR A 221 -6.22 7.21 -13.90
N LEU A 222 -5.85 6.80 -12.69
CA LEU A 222 -6.79 6.75 -11.57
C LEU A 222 -6.86 8.06 -10.79
N ASN A 223 -6.03 9.05 -11.10
CA ASN A 223 -6.05 10.27 -10.30
C ASN A 223 -7.40 10.97 -10.42
N THR A 224 -7.92 11.46 -9.29
CA THR A 224 -9.28 11.98 -9.27
C THR A 224 -9.41 13.48 -9.51
N VAL A 225 -8.31 14.21 -9.72
CA VAL A 225 -8.44 15.66 -9.86
C VAL A 225 -9.25 15.99 -11.10
N SER A 226 -10.17 16.93 -10.95
CA SER A 226 -11.06 17.38 -12.01
C SER A 226 -11.01 18.89 -12.05
N PRO A 227 -11.07 19.51 -13.23
CA PRO A 227 -11.32 18.90 -14.55
C PRO A 227 -10.06 18.44 -15.27
N THR A 228 -8.89 18.62 -14.68
CA THR A 228 -7.61 18.27 -15.32
C THR A 228 -6.92 17.25 -14.41
N GLN A 229 -6.89 15.99 -14.85
CA GLN A 229 -6.25 14.94 -14.09
CA GLN A 229 -6.24 14.95 -14.07
C GLN A 229 -4.76 15.26 -13.88
N GLN A 230 -4.24 14.89 -12.71
CA GLN A 230 -2.87 15.18 -12.32
C GLN A 230 -2.04 13.90 -12.23
N LYS A 231 -0.72 14.07 -12.30
CA LYS A 231 0.22 12.95 -12.26
C LYS A 231 0.66 12.63 -10.84
N THR A 232 0.94 11.34 -10.63
CA THR A 232 1.50 10.91 -9.35
C THR A 232 2.94 11.41 -9.19
N PHE A 233 3.39 11.34 -7.93
CA PHE A 233 4.77 11.68 -7.60
C PHE A 233 5.75 10.86 -8.43
N PHE A 234 5.50 9.54 -8.52
CA PHE A 234 6.38 8.68 -9.31
C PHE A 234 6.36 9.05 -10.78
N ASP A 235 5.17 9.29 -11.34
CA ASP A 235 5.07 9.69 -12.74
CA ASP A 235 5.12 9.68 -12.74
C ASP A 235 5.87 10.96 -13.01
N ASN A 236 5.76 11.94 -12.10
CA ASN A 236 6.51 13.18 -12.27
C ASN A 236 8.02 12.99 -12.12
N ALA A 237 8.45 12.08 -11.24
CA ALA A 237 9.87 11.88 -11.00
C ALA A 237 10.53 11.00 -12.03
N LYS A 238 9.76 10.17 -12.74
CA LYS A 238 10.29 8.97 -13.38
C LYS A 238 11.40 9.29 -14.37
N ALA A 239 11.22 10.35 -15.17
CA ALA A 239 12.20 10.65 -16.21
C ALA A 239 13.55 11.07 -15.62
N SER A 240 13.55 11.61 -14.40
N SER A 240 13.55 11.61 -14.40
CA SER A 240 14.78 12.03 -13.74
CA SER A 240 14.78 12.04 -13.75
C SER A 240 15.48 10.91 -13.01
C SER A 240 15.48 10.91 -13.01
N LEU A 241 14.77 9.83 -12.73
CA LEU A 241 15.34 8.74 -11.94
C LEU A 241 16.42 7.99 -12.72
N ASP A 242 17.39 7.44 -11.99
CA ASP A 242 18.41 6.61 -12.63
C ASP A 242 17.78 5.46 -13.42
N SER A 243 16.78 4.82 -12.86
CA SER A 243 15.98 3.77 -13.50
CA SER A 243 15.97 3.79 -13.51
C SER A 243 14.53 4.07 -13.12
N PRO A 244 13.57 3.81 -14.03
CA PRO A 244 12.15 4.20 -13.78
C PRO A 244 11.41 3.19 -12.92
N VAL A 245 11.85 3.08 -11.67
CA VAL A 245 11.37 2.05 -10.76
CA VAL A 245 11.43 2.03 -10.76
C VAL A 245 11.25 2.63 -9.36
N PHE A 246 10.41 1.97 -8.56
CA PHE A 246 10.45 2.16 -7.12
C PHE A 246 10.32 0.79 -6.47
N THR A 247 10.79 0.67 -5.24
CA THR A 247 10.73 -0.61 -4.54
C THR A 247 10.11 -0.43 -3.18
N ALA A 248 9.35 -1.44 -2.76
CA ALA A 248 8.72 -1.50 -1.45
C ALA A 248 9.34 -2.64 -0.67
N ASP A 249 9.86 -2.31 0.50
CA ASP A 249 10.47 -3.30 1.41
C ASP A 249 9.87 -3.07 2.78
N LEU A 250 8.65 -3.59 2.98
CA LEU A 250 7.92 -3.35 4.21
C LEU A 250 8.40 -4.32 5.28
N GLY A 251 8.55 -3.81 6.51
CA GLY A 251 8.97 -4.64 7.62
C GLY A 251 7.82 -5.33 8.33
N TYR A 252 8.13 -6.43 8.99
CA TYR A 252 7.20 -7.09 9.90
C TYR A 252 7.53 -6.61 11.30
N HIS A 253 6.61 -5.85 11.91
CA HIS A 253 6.82 -5.32 13.24
C HIS A 253 8.10 -4.50 13.32
N ALA A 254 8.48 -3.82 12.24
CA ALA A 254 9.76 -3.15 12.17
C ALA A 254 9.73 -2.18 11.00
N PRO A 255 10.60 -1.18 10.99
CA PRO A 255 10.68 -0.27 9.83
C PRO A 255 11.19 -0.98 8.59
N GLY A 256 10.95 -0.35 7.46
CA GLY A 256 11.35 -0.83 6.16
C GLY A 256 11.69 0.36 5.28
N THR A 257 11.67 0.18 3.96
CA THR A 257 12.21 1.19 3.05
C THR A 257 11.41 1.27 1.77
N TYR A 258 11.17 2.49 1.30
CA TYR A 258 10.78 2.77 -0.08
C TYR A 258 11.96 3.42 -0.77
N ASN A 259 12.39 2.83 -1.89
CA ASN A 259 13.45 3.42 -2.71
C ASN A 259 12.87 3.81 -4.05
N PHE A 260 13.40 4.92 -4.60
CA PHE A 260 13.03 5.40 -5.92
C PHE A 260 14.27 5.47 -6.78
N GLY A 261 14.22 4.83 -7.97
CA GLY A 261 15.23 5.01 -8.98
C GLY A 261 16.34 3.99 -8.98
N PHE A 262 16.35 3.04 -8.03
CA PHE A 262 17.41 2.05 -7.98
C PHE A 262 16.92 0.84 -7.22
N ILE A 263 17.59 -0.28 -7.47
CA ILE A 263 17.33 -1.53 -6.79
CA ILE A 263 17.35 -1.57 -6.82
C ILE A 263 18.51 -1.81 -5.86
N ASP A 264 18.23 -1.89 -4.57
CA ASP A 264 19.26 -2.19 -3.57
C ASP A 264 19.45 -3.70 -3.56
N THR A 265 20.53 -4.17 -4.18
CA THR A 265 20.76 -5.59 -4.33
C THR A 265 21.16 -6.26 -3.02
N THR A 266 21.40 -5.49 -1.96
CA THR A 266 21.65 -6.07 -0.65
C THR A 266 20.38 -6.28 0.16
N ALA A 267 19.22 -5.87 -0.36
CA ALA A 267 17.98 -5.86 0.41
C ALA A 267 17.16 -7.13 0.26
N TYR A 268 17.62 -8.10 -0.53
CA TYR A 268 16.85 -9.31 -0.77
C TYR A 268 17.81 -10.48 -0.93
N THR A 269 17.27 -11.68 -0.87
CA THR A 269 18.03 -12.90 -1.11
C THR A 269 17.63 -13.48 -2.46
N GLY A 270 18.51 -14.31 -3.02
CA GLY A 270 18.16 -14.94 -4.28
C GLY A 270 18.02 -13.91 -5.39
N SER A 271 17.12 -14.21 -6.33
CA SER A 271 16.89 -13.33 -7.46
CA SER A 271 16.87 -13.37 -7.49
C SER A 271 15.48 -12.75 -7.41
N ILE A 272 15.30 -11.69 -8.17
CA ILE A 272 14.00 -11.07 -8.34
C ILE A 272 13.33 -11.73 -9.53
N THR A 273 12.12 -12.24 -9.33
CA THR A 273 11.33 -12.78 -10.43
C THR A 273 10.33 -11.74 -10.88
N TYR A 274 10.37 -11.40 -12.16
CA TYR A 274 9.47 -10.39 -12.71
C TYR A 274 8.27 -11.08 -13.35
N THR A 275 7.15 -10.38 -13.32
CA THR A 275 5.90 -10.90 -13.82
C THR A 275 5.12 -9.79 -14.50
N ALA A 276 4.28 -10.17 -15.47
CA ALA A 276 3.58 -9.20 -16.31
C ALA A 276 2.54 -8.41 -15.50
N VAL A 277 2.33 -7.16 -15.90
CA VAL A 277 1.37 -6.26 -15.29
C VAL A 277 0.36 -5.83 -16.33
N SER A 278 -0.92 -5.82 -15.97
CA SER A 278 -1.93 -5.14 -16.76
C SER A 278 -2.23 -3.80 -16.10
N THR A 279 -2.14 -2.71 -16.87
CA THR A 279 -2.49 -1.39 -16.38
C THR A 279 -3.90 -0.96 -16.76
N LYS A 280 -4.70 -1.90 -17.33
CA LYS A 280 -5.99 -1.53 -17.90
C LYS A 280 -6.95 -0.95 -16.87
N GLN A 281 -6.85 -1.39 -15.61
CA GLN A 281 -7.68 -0.84 -14.55
CA GLN A 281 -7.68 -0.86 -14.54
C GLN A 281 -6.97 0.21 -13.71
N GLY A 282 -5.76 0.60 -14.11
CA GLY A 282 -5.01 1.63 -13.40
C GLY A 282 -4.19 1.14 -12.24
N PHE A 283 -4.16 -0.17 -11.99
CA PHE A 283 -3.48 -0.77 -10.85
C PHE A 283 -2.25 -1.54 -11.31
N TRP A 284 -1.43 -1.91 -10.33
CA TRP A 284 -0.34 -2.86 -10.53
C TRP A 284 -0.95 -4.26 -10.45
N GLU A 285 -1.63 -4.64 -11.53
CA GLU A 285 -2.40 -5.87 -11.58
C GLU A 285 -1.57 -6.98 -12.23
N TRP A 286 -1.55 -8.15 -11.60
CA TRP A 286 -0.70 -9.24 -12.03
C TRP A 286 -1.41 -10.55 -11.74
N THR A 287 -0.81 -11.67 -12.16
CA THR A 287 -1.40 -12.98 -11.95
C THR A 287 -0.43 -13.88 -11.20
N SER A 288 -0.76 -14.21 -9.97
CA SER A 288 0.00 -15.20 -9.23
C SER A 288 -0.26 -16.58 -9.81
N THR A 289 0.75 -17.44 -9.72
CA THR A 289 0.68 -18.78 -10.29
C THR A 289 0.16 -19.85 -9.32
N GLY A 290 -0.12 -19.50 -8.06
CA GLY A 290 -0.80 -20.44 -7.20
C GLY A 290 -0.39 -20.23 -5.75
N TYR A 291 -0.68 -21.24 -4.94
CA TYR A 291 -0.48 -21.07 -3.50
C TYR A 291 -0.23 -22.41 -2.83
N ALA A 292 0.30 -22.34 -1.61
CA ALA A 292 0.34 -23.49 -0.71
C ALA A 292 0.00 -23.01 0.69
N VAL A 293 -0.53 -23.92 1.50
CA VAL A 293 -0.82 -23.67 2.91
C VAL A 293 0.16 -24.46 3.75
N GLY A 294 0.93 -23.78 4.59
CA GLY A 294 1.90 -24.46 5.43
C GLY A 294 2.84 -25.29 4.58
N SER A 295 3.08 -26.53 5.01
CA SER A 295 3.95 -27.45 4.30
CA SER A 295 3.95 -27.45 4.30
C SER A 295 3.21 -28.25 3.24
N GLY A 296 1.97 -27.88 2.92
CA GLY A 296 1.17 -28.61 1.96
C GLY A 296 1.65 -28.43 0.52
N THR A 297 1.05 -29.23 -0.35
CA THR A 297 1.43 -29.21 -1.76
CA THR A 297 1.41 -29.22 -1.76
C THR A 297 1.00 -27.90 -2.42
N PHE A 298 1.83 -27.42 -3.35
CA PHE A 298 1.52 -26.21 -4.07
C PHE A 298 0.41 -26.47 -5.09
N LYS A 299 -0.59 -25.60 -5.08
CA LYS A 299 -1.71 -25.67 -6.00
C LYS A 299 -1.45 -24.66 -7.13
N SER A 300 -1.27 -25.16 -8.34
CA SER A 300 -1.06 -24.29 -9.49
C SER A 300 -2.41 -23.79 -9.98
N THR A 301 -2.61 -22.48 -9.89
CA THR A 301 -3.88 -21.88 -10.29
C THR A 301 -3.63 -20.39 -10.45
N SER A 302 -4.26 -19.79 -11.45
CA SER A 302 -4.04 -18.37 -11.73
C SER A 302 -4.89 -17.53 -10.81
N ILE A 303 -4.25 -16.60 -10.10
CA ILE A 303 -4.93 -15.70 -9.18
C ILE A 303 -4.59 -14.27 -9.61
N ASP A 304 -5.54 -13.62 -10.27
CA ASP A 304 -5.36 -12.24 -10.71
CA ASP A 304 -5.38 -12.24 -10.71
C ASP A 304 -5.60 -11.33 -9.52
N GLY A 305 -4.67 -10.40 -9.30
CA GLY A 305 -4.86 -9.48 -8.18
C GLY A 305 -3.98 -8.26 -8.34
N ILE A 306 -4.05 -7.38 -7.35
CA ILE A 306 -3.29 -6.14 -7.39
C ILE A 306 -2.28 -6.11 -6.25
N ALA A 307 -1.11 -5.53 -6.53
CA ALA A 307 -0.11 -5.27 -5.48
C ALA A 307 -0.45 -3.92 -4.86
N ASP A 308 -0.91 -3.93 -3.60
CA ASP A 308 -1.52 -2.75 -2.97
C ASP A 308 -0.92 -2.50 -1.59
N THR A 309 0.08 -1.62 -1.52
CA THR A 309 0.69 -1.30 -0.23
C THR A 309 -0.26 -0.56 0.70
N GLY A 310 -1.33 0.03 0.18
CA GLY A 310 -2.30 0.72 1.00
C GLY A 310 -3.42 -0.13 1.57
N THR A 311 -3.41 -1.44 1.32
CA THR A 311 -4.36 -2.37 1.92
C THR A 311 -3.58 -3.22 2.92
N THR A 312 -4.13 -3.40 4.12
CA THR A 312 -3.39 -4.10 5.17
C THR A 312 -3.30 -5.60 4.90
N LEU A 313 -4.43 -6.20 4.53
CA LEU A 313 -4.57 -7.65 4.53
C LEU A 313 -4.40 -8.25 3.13
N LEU A 314 -4.42 -9.58 3.09
CA LEU A 314 -4.34 -10.36 1.85
C LEU A 314 -5.74 -10.89 1.55
N TYR A 315 -6.33 -10.43 0.44
CA TYR A 315 -7.70 -10.79 0.07
C TYR A 315 -7.64 -11.70 -1.15
N LEU A 316 -8.12 -12.92 -1.00
CA LEU A 316 -7.98 -13.97 -1.99
C LEU A 316 -9.31 -14.69 -2.20
N PRO A 317 -9.42 -15.52 -3.25
CA PRO A 317 -10.71 -16.18 -3.50
C PRO A 317 -11.15 -17.04 -2.34
N ALA A 318 -12.47 -17.15 -2.19
CA ALA A 318 -13.03 -17.87 -1.05
C ALA A 318 -12.51 -19.30 -0.95
N THR A 319 -12.30 -19.98 -2.07
CA THR A 319 -11.79 -21.35 -2.00
C THR A 319 -10.42 -21.39 -1.36
N VAL A 320 -9.55 -20.44 -1.72
CA VAL A 320 -8.19 -20.40 -1.20
C VAL A 320 -8.20 -20.09 0.29
N VAL A 321 -9.01 -19.11 0.66
CA VAL A 321 -9.08 -18.66 2.05
C VAL A 321 -9.64 -19.77 2.93
N SER A 322 -10.65 -20.50 2.43
CA SER A 322 -11.20 -21.61 3.19
C SER A 322 -10.15 -22.69 3.40
N ALA A 323 -9.36 -22.97 2.37
CA ALA A 323 -8.30 -23.97 2.50
C ALA A 323 -7.26 -23.55 3.53
N TYR A 324 -6.94 -22.27 3.60
CA TYR A 324 -6.00 -21.81 4.62
C TYR A 324 -6.55 -22.01 6.02
N TRP A 325 -7.72 -21.45 6.29
CA TRP A 325 -8.24 -21.44 7.66
C TRP A 325 -8.67 -22.82 8.13
N ALA A 326 -8.91 -23.75 7.22
CA ALA A 326 -9.20 -25.11 7.61
C ALA A 326 -8.03 -25.75 8.33
N GLN A 327 -6.83 -25.21 8.18
CA GLN A 327 -5.64 -25.72 8.86
C GLN A 327 -5.42 -25.08 10.24
N VAL A 328 -6.36 -24.28 10.72
CA VAL A 328 -6.25 -23.60 12.00
C VAL A 328 -7.40 -24.07 12.86
N SER A 329 -7.12 -24.87 13.88
CA SER A 329 -8.18 -25.43 14.72
CA SER A 329 -8.18 -25.42 14.70
C SER A 329 -8.97 -24.31 15.38
N GLY A 330 -10.29 -24.35 15.19
CA GLY A 330 -11.16 -23.38 15.80
C GLY A 330 -11.40 -22.14 14.99
N ALA A 331 -10.71 -21.97 13.85
CA ALA A 331 -10.95 -20.79 13.02
C ALA A 331 -12.30 -20.91 12.33
N LYS A 332 -12.94 -19.77 12.14
CA LYS A 332 -14.24 -19.76 11.46
C LYS A 332 -14.47 -18.40 10.85
N SER A 333 -15.33 -18.36 9.84
CA SER A 333 -15.76 -17.08 9.30
C SER A 333 -16.93 -16.56 10.13
N SER A 334 -16.78 -15.36 10.65
CA SER A 334 -17.77 -14.74 11.51
C SER A 334 -18.45 -13.63 10.75
N SER A 335 -19.74 -13.75 10.50
CA SER A 335 -20.47 -12.71 9.81
C SER A 335 -20.59 -11.43 10.68
N SER A 336 -20.68 -11.61 11.98
CA SER A 336 -20.77 -10.44 12.85
C SER A 336 -19.46 -9.67 12.89
N VAL A 337 -18.33 -10.38 12.93
CA VAL A 337 -17.06 -9.69 12.97
C VAL A 337 -16.67 -9.17 11.59
N GLY A 338 -17.03 -9.89 10.53
CA GLY A 338 -16.73 -9.49 9.17
C GLY A 338 -15.62 -10.26 8.50
N GLY A 339 -15.30 -11.45 8.97
CA GLY A 339 -14.31 -12.26 8.29
C GLY A 339 -13.89 -13.41 9.17
N TYR A 340 -12.82 -14.06 8.74
CA TYR A 340 -12.26 -15.16 9.49
C TYR A 340 -11.58 -14.67 10.76
N VAL A 341 -11.90 -15.36 11.86
CA VAL A 341 -11.31 -15.15 13.17
C VAL A 341 -10.77 -16.49 13.64
N PHE A 342 -9.86 -16.46 14.61
CA PHE A 342 -9.24 -17.69 15.06
C PHE A 342 -8.83 -17.54 16.51
N PRO A 343 -8.64 -18.64 17.22
CA PRO A 343 -8.26 -18.53 18.64
C PRO A 343 -6.89 -17.90 18.75
N CYS A 344 -6.77 -16.92 19.65
CA CYS A 344 -5.49 -16.25 19.78
C CYS A 344 -4.37 -17.17 20.21
N SER A 345 -4.70 -18.33 20.81
CA SER A 345 -3.71 -19.32 21.21
C SER A 345 -3.18 -20.15 20.06
N ALA A 346 -3.74 -20.04 18.86
CA ALA A 346 -3.29 -20.85 17.74
C ALA A 346 -1.90 -20.47 17.27
N THR A 347 -1.21 -21.46 16.70
CA THR A 347 -0.01 -21.23 15.88
CA THR A 347 -0.02 -21.22 15.89
C THR A 347 -0.44 -21.31 14.43
N LEU A 348 -0.27 -20.20 13.70
CA LEU A 348 -0.76 -20.13 12.33
C LEU A 348 0.23 -20.76 11.36
N PRO A 349 -0.25 -21.48 10.35
CA PRO A 349 0.64 -21.96 9.29
C PRO A 349 1.05 -20.82 8.35
N SER A 350 2.17 -21.02 7.67
CA SER A 350 2.57 -20.08 6.63
C SER A 350 1.62 -20.17 5.44
N PHE A 351 1.75 -19.19 4.56
CA PHE A 351 1.02 -19.17 3.30
C PHE A 351 2.01 -18.80 2.20
N THR A 352 2.08 -19.62 1.15
CA THR A 352 3.01 -19.37 0.05
C THR A 352 2.21 -18.93 -1.18
N PHE A 353 2.69 -17.90 -1.89
CA PHE A 353 2.10 -17.56 -3.17
C PHE A 353 3.16 -17.63 -4.27
N GLY A 354 2.71 -17.96 -5.48
CA GLY A 354 3.61 -18.11 -6.61
C GLY A 354 3.77 -16.82 -7.41
N VAL A 355 5.00 -16.59 -7.85
CA VAL A 355 5.32 -15.52 -8.78
C VAL A 355 6.10 -16.23 -9.87
N GLY A 356 5.47 -16.49 -11.02
CA GLY A 356 6.07 -17.41 -11.97
C GLY A 356 6.42 -18.71 -11.28
N SER A 357 7.65 -19.19 -11.50
CA SER A 357 8.13 -20.40 -10.84
CA SER A 357 8.12 -20.40 -10.84
C SER A 357 8.65 -20.14 -9.43
N ALA A 358 8.76 -18.88 -9.02
CA ALA A 358 9.26 -18.52 -7.70
C ALA A 358 8.14 -18.61 -6.66
N ARG A 359 8.53 -18.62 -5.40
CA ARG A 359 7.60 -18.81 -4.30
C ARG A 359 7.93 -17.79 -3.22
N ILE A 360 6.94 -17.07 -2.74
CA ILE A 360 7.10 -16.16 -1.61
C ILE A 360 6.35 -16.76 -0.43
N VAL A 361 7.05 -16.93 0.69
CA VAL A 361 6.48 -17.57 1.88
C VAL A 361 6.14 -16.49 2.90
N ILE A 362 4.86 -16.39 3.24
CA ILE A 362 4.39 -15.51 4.31
C ILE A 362 4.41 -16.31 5.61
N PRO A 363 5.25 -15.98 6.59
CA PRO A 363 5.22 -16.73 7.85
C PRO A 363 3.86 -16.61 8.53
N GLY A 364 3.49 -17.65 9.26
CA GLY A 364 2.20 -17.65 9.93
C GLY A 364 1.98 -16.43 10.81
N ASP A 365 3.02 -15.99 11.53
CA ASP A 365 2.75 -14.89 12.44
CA ASP A 365 2.85 -14.86 12.45
C ASP A 365 2.41 -13.59 11.73
N TYR A 366 2.74 -13.47 10.43
CA TYR A 366 2.33 -12.28 9.69
C TYR A 366 0.81 -12.22 9.49
N ILE A 367 0.12 -13.34 9.71
CA ILE A 367 -1.30 -13.46 9.45
C ILE A 367 -2.12 -13.19 10.70
N ASP A 368 -1.48 -12.91 11.83
CA ASP A 368 -2.18 -12.64 13.09
C ASP A 368 -2.38 -11.13 13.26
N PHE A 369 -3.64 -10.69 13.27
CA PHE A 369 -3.96 -9.29 13.50
C PHE A 369 -4.57 -9.01 14.87
N GLY A 370 -4.38 -9.93 15.80
CA GLY A 370 -4.64 -9.66 17.19
C GLY A 370 -6.11 -9.71 17.56
N PRO A 371 -6.39 -9.47 18.84
CA PRO A 371 -7.76 -9.61 19.33
C PRO A 371 -8.76 -8.76 18.57
N ILE A 372 -9.96 -9.32 18.38
CA ILE A 372 -10.99 -8.62 17.62
C ILE A 372 -11.48 -7.38 18.35
N SER A 373 -11.36 -7.38 19.68
CA SER A 373 -11.67 -6.24 20.54
C SER A 373 -10.77 -6.41 21.75
N THR A 374 -10.50 -5.32 22.44
CA THR A 374 -9.54 -5.39 23.52
C THR A 374 -9.94 -6.44 24.55
N GLY A 375 -8.99 -7.30 24.90
CA GLY A 375 -9.21 -8.33 25.87
C GLY A 375 -9.83 -9.62 25.34
N SER A 376 -10.22 -9.66 24.07
CA SER A 376 -10.81 -10.87 23.53
C SER A 376 -9.73 -11.92 23.27
N SER A 377 -10.11 -13.20 23.37
CA SER A 377 -9.24 -14.29 22.96
C SER A 377 -9.52 -14.78 21.54
N SER A 378 -10.38 -14.08 20.81
CA SER A 378 -10.59 -14.33 19.40
CA SER A 378 -10.59 -14.32 19.40
C SER A 378 -9.80 -13.28 18.62
N CYS A 379 -9.05 -13.74 17.62
CA CYS A 379 -8.13 -12.90 16.87
C CYS A 379 -8.56 -12.77 15.42
N PHE A 380 -8.23 -11.63 14.81
CA PHE A 380 -8.62 -11.39 13.43
C PHE A 380 -7.57 -11.94 12.47
N GLY A 381 -8.03 -12.65 11.45
CA GLY A 381 -7.13 -13.21 10.47
C GLY A 381 -6.63 -12.22 9.43
N GLY A 382 -5.39 -12.45 8.96
CA GLY A 382 -4.78 -11.59 7.96
C GLY A 382 -5.01 -11.99 6.52
N ILE A 383 -5.64 -13.15 6.29
CA ILE A 383 -6.05 -13.64 4.99
C ILE A 383 -7.58 -13.70 5.02
N GLN A 384 -8.22 -12.98 4.08
CA GLN A 384 -9.66 -12.84 4.06
C GLN A 384 -10.17 -13.02 2.64
N SER A 385 -11.45 -13.34 2.51
CA SER A 385 -12.05 -13.54 1.21
C SER A 385 -12.18 -12.23 0.45
N SER A 386 -11.91 -12.29 -0.86
CA SER A 386 -12.12 -11.13 -1.75
C SER A 386 -13.53 -11.12 -2.36
N ALA A 387 -14.39 -12.05 -1.97
CA ALA A 387 -15.72 -12.11 -2.56
C ALA A 387 -16.43 -10.77 -2.34
N GLY A 388 -16.97 -10.22 -3.39
CA GLY A 388 -17.57 -8.92 -3.19
C GLY A 388 -16.64 -7.75 -3.37
N ILE A 389 -15.33 -7.98 -3.46
CA ILE A 389 -14.45 -6.87 -3.77
C ILE A 389 -14.44 -6.79 -5.25
N GLY A 390 -14.42 -7.92 -5.91
CA GLY A 390 -14.34 -7.89 -7.35
C GLY A 390 -12.94 -8.09 -7.87
N ILE A 391 -11.96 -8.04 -6.95
CA ILE A 391 -10.57 -8.25 -7.29
C ILE A 391 -9.84 -8.83 -6.07
N ASN A 392 -8.82 -9.63 -6.35
CA ASN A 392 -7.95 -10.09 -5.27
C ASN A 392 -6.92 -9.01 -4.96
N ILE A 393 -6.51 -8.91 -3.70
CA ILE A 393 -5.63 -7.84 -3.27
C ILE A 393 -4.45 -8.42 -2.50
N PHE A 394 -3.26 -8.29 -3.07
CA PHE A 394 -2.03 -8.61 -2.37
C PHE A 394 -1.62 -7.37 -1.59
N GLY A 395 -2.17 -7.25 -0.38
CA GLY A 395 -1.90 -6.16 0.52
C GLY A 395 -0.65 -6.42 1.34
N ASP A 396 -0.51 -5.63 2.41
CA ASP A 396 0.75 -5.62 3.17
C ASP A 396 1.13 -6.99 3.71
N VAL A 397 0.15 -7.81 4.12
CA VAL A 397 0.43 -9.16 4.62
C VAL A 397 1.30 -9.93 3.63
N ALA A 398 0.96 -9.84 2.34
CA ALA A 398 1.76 -10.51 1.31
C ALA A 398 3.02 -9.72 0.99
N LEU A 399 2.88 -8.42 0.76
CA LEU A 399 4.02 -7.65 0.26
C LEU A 399 5.16 -7.59 1.26
N LYS A 400 4.87 -7.55 2.56
CA LYS A 400 5.93 -7.43 3.55
C LYS A 400 6.77 -8.69 3.65
N ALA A 401 6.32 -9.81 3.07
CA ALA A 401 7.16 -11.01 2.98
C ALA A 401 8.15 -10.95 1.83
N ALA A 402 8.15 -9.88 1.06
CA ALA A 402 8.96 -9.82 -0.15
C ALA A 402 9.64 -8.47 -0.28
N PHE A 403 10.66 -8.43 -1.14
CA PHE A 403 11.18 -7.19 -1.71
C PHE A 403 10.48 -7.04 -3.06
N VAL A 404 9.75 -5.93 -3.25
CA VAL A 404 8.86 -5.78 -4.38
C VAL A 404 9.32 -4.63 -5.26
N VAL A 405 9.51 -4.91 -6.54
CA VAL A 405 9.92 -3.92 -7.54
C VAL A 405 8.72 -3.52 -8.36
N PHE A 406 8.42 -2.22 -8.36
CA PHE A 406 7.38 -1.63 -9.20
C PHE A 406 8.12 -0.99 -10.37
N ASN A 407 8.18 -1.73 -11.47
CA ASN A 407 8.96 -1.29 -12.64
C ASN A 407 8.09 -0.49 -13.57
N GLY A 408 8.33 0.80 -13.62
CA GLY A 408 7.58 1.71 -14.46
C GLY A 408 8.15 2.00 -15.86
N ALA A 409 8.83 1.03 -16.39
CA ALA A 409 9.29 1.16 -17.78
C ALA A 409 8.09 1.24 -18.71
N THR A 410 8.37 1.45 -20.01
CA THR A 410 7.29 1.62 -21.01
C THR A 410 6.25 0.54 -20.87
N THR A 411 6.71 -0.69 -20.74
CA THR A 411 5.80 -1.77 -20.39
C THR A 411 6.06 -2.11 -18.93
N PRO A 412 5.19 -1.70 -18.00
CA PRO A 412 5.47 -1.96 -16.58
C PRO A 412 5.47 -3.44 -16.27
N THR A 413 6.26 -3.80 -15.25
CA THR A 413 6.29 -5.15 -14.71
C THR A 413 6.43 -5.04 -13.20
N LEU A 414 6.22 -6.17 -12.51
CA LEU A 414 6.36 -6.27 -11.07
CA LEU A 414 6.38 -6.26 -11.07
C LEU A 414 7.39 -7.34 -10.78
N GLY A 415 8.30 -7.06 -9.85
CA GLY A 415 9.29 -8.03 -9.42
C GLY A 415 9.12 -8.40 -7.95
N PHE A 416 9.34 -9.67 -7.62
CA PHE A 416 9.29 -10.13 -6.24
C PHE A 416 10.54 -10.94 -5.93
N ALA A 417 11.14 -10.67 -4.79
CA ALA A 417 12.22 -11.48 -4.23
C ALA A 417 11.92 -11.80 -2.77
N SER A 418 12.40 -12.96 -2.33
CA SER A 418 12.43 -13.24 -0.91
C SER A 418 13.47 -12.36 -0.23
N LYS A 419 13.39 -12.26 1.10
CA LYS A 419 14.33 -11.39 1.80
C LYS A 419 14.60 -11.89 3.19
C1 GOL B . 11.09 -13.63 3.51
O1 GOL B . 10.89 -13.65 2.11
C2 GOL B . 9.82 -14.22 4.18
O2 GOL B . 9.65 -15.54 3.80
C3 GOL B . 9.99 -14.04 5.73
O3 GOL B . 11.05 -14.85 6.16
C10 TV6 C . 15.07 -1.47 9.30
C13 TV6 C . 16.99 -0.26 8.52
C01 TV6 C . 21.34 1.16 11.51
C02 TV6 C . 20.89 -0.02 10.65
C04 TV6 C . 19.66 0.32 9.81
C06 TV6 C . 17.80 -1.07 9.29
C07 TV6 C . 17.26 -2.09 10.05
C08 TV6 C . 15.88 -2.27 10.07
C11 TV6 C . 15.62 -0.46 8.54
N03 TV6 C . 21.98 -0.44 9.78
O05 TV6 C . 19.19 -0.89 9.27
CL09 TV6 C . 15.16 -3.56 11.06
CL12 TV6 C . 14.51 0.52 7.58
C10 TV6 D . -11.81 -3.56 -0.47
C13 TV6 D . -9.59 -2.81 -0.97
C01 TV6 D . -9.30 2.10 -3.47
C02 TV6 D . -8.71 0.71 -3.60
C04 TV6 D . -9.09 -0.16 -2.42
C06 TV6 D . -10.07 -2.18 -2.09
C07 TV6 D . -11.41 -2.22 -2.41
C08 TV6 D . -12.28 -2.92 -1.59
C11 TV6 D . -10.46 -3.50 -0.16
N03 TV6 D . -7.25 0.78 -3.61
O05 TV6 D . -9.18 -1.47 -2.89
CL09 TV6 D . -14.01 -2.97 -1.99
CL12 TV6 D . -9.82 -4.34 1.26
#